data_4JW0
#
_entry.id   4JW0
#
_cell.length_a   74.377
_cell.length_b   81.619
_cell.length_c   89.349
_cell.angle_alpha   90.00
_cell.angle_beta   90.00
_cell.angle_gamma   90.00
#
_symmetry.space_group_name_H-M   'P 21 21 21'
#
loop_
_entity.id
_entity.type
_entity.pdbx_description
1 polymer 'Carbon dioxide concentrating mechanism protein'
2 non-polymer 'SULFATE ION'
3 water water
#
_entity_poly.entity_id   1
_entity_poly.type   'polypeptide(L)'
_entity_poly.pdbx_seq_one_letter_code
;MQIGRVRGTVVSSQKEPSMVGVKFLLLQLIDEAGQPLPQYEVAADGVGAGLDEWVLFSRGSAARQVAGSEKRPVDAVVIG
IIDTVSVDNRPLYSKKDQYRGSHHHHHH
;
_entity_poly.pdbx_strand_id   B,A,C,D,E
#
# COMPACT_ATOMS: atom_id res chain seq x y z
N MET A 1 5.00 -5.68 9.03
CA MET A 1 5.57 -4.60 9.87
C MET A 1 7.00 -4.32 9.45
N GLN A 2 7.45 -3.09 9.67
CA GLN A 2 8.85 -2.74 9.48
C GLN A 2 9.44 -2.27 10.80
N ILE A 3 10.77 -2.20 10.83
CA ILE A 3 11.49 -1.69 11.98
C ILE A 3 11.84 -0.23 11.73
N GLY A 4 11.60 0.61 12.73
CA GLY A 4 11.96 2.01 12.64
C GLY A 4 12.71 2.44 13.88
N ARG A 5 13.47 3.51 13.74
CA ARG A 5 14.19 4.11 14.86
C ARG A 5 13.57 5.47 15.15
N VAL A 6 13.30 5.75 16.43
CA VAL A 6 12.63 6.98 16.79
C VAL A 6 13.61 8.14 16.68
N ARG A 7 13.27 9.13 15.85
CA ARG A 7 14.16 10.28 15.63
C ARG A 7 13.62 11.58 16.21
N GLY A 8 12.32 11.65 16.46
CA GLY A 8 11.74 12.88 17.00
C GLY A 8 10.22 12.87 16.99
N THR A 9 9.65 14.06 17.07
CA THR A 9 8.21 14.21 17.17
C THR A 9 7.71 15.27 16.21
N VAL A 10 6.45 15.15 15.83
CA VAL A 10 5.81 16.12 14.96
C VAL A 10 4.62 16.70 15.72
N VAL A 11 4.51 18.02 15.73
CA VAL A 11 3.41 18.68 16.44
C VAL A 11 2.52 19.46 15.48
N SER A 12 1.22 19.30 15.66
CA SER A 12 0.21 19.95 14.83
C SER A 12 -0.93 20.42 15.72
N SER A 13 -1.20 21.72 15.73
CA SER A 13 -2.29 22.26 16.54
C SER A 13 -3.57 22.36 15.72
N GLN A 14 -3.44 22.80 14.47
CA GLN A 14 -4.56 22.89 13.57
C GLN A 14 -4.69 21.58 12.79
N LYS A 15 -5.64 20.75 13.20
CA LYS A 15 -5.76 19.41 12.65
C LYS A 15 -7.18 18.90 12.77
N GLU A 16 -7.46 17.79 12.10
CA GLU A 16 -8.76 17.14 12.23
C GLU A 16 -9.00 16.84 13.71
N PRO A 17 -10.19 17.18 14.22
CA PRO A 17 -10.51 17.00 15.65
C PRO A 17 -10.35 15.57 16.15
N SER A 18 -10.57 14.58 15.28
CA SER A 18 -10.44 13.19 15.67
C SER A 18 -9.01 12.83 16.06
N MET A 19 -8.06 13.68 15.71
CA MET A 19 -6.64 13.40 15.97
C MET A 19 -6.11 14.02 17.27
N VAL A 20 -6.98 14.70 18.00
CA VAL A 20 -6.57 15.28 19.28
C VAL A 20 -6.13 14.17 20.24
N GLY A 21 -5.00 14.39 20.91
CA GLY A 21 -4.49 13.45 21.89
C GLY A 21 -3.43 12.52 21.35
N VAL A 22 -3.31 12.47 20.02
CA VAL A 22 -2.41 11.53 19.37
C VAL A 22 -0.99 12.10 19.33
N LYS A 23 -0.03 11.32 19.81
CA LYS A 23 1.38 11.69 19.72
C LYS A 23 1.96 11.16 18.41
N PHE A 24 2.64 12.05 17.68
CA PHE A 24 3.20 11.68 16.39
C PHE A 24 4.71 11.53 16.50
N LEU A 25 5.22 10.34 16.21
CA LEU A 25 6.66 10.11 16.22
C LEU A 25 7.21 10.03 14.81
N LEU A 26 8.33 10.72 14.58
CA LEU A 26 9.08 10.58 13.34
C LEU A 26 9.97 9.36 13.45
N LEU A 27 9.73 8.38 12.58
CA LEU A 27 10.49 7.14 12.57
C LEU A 27 11.37 7.06 11.34
N GLN A 28 12.63 6.68 11.54
CA GLN A 28 13.51 6.39 10.42
C GLN A 28 13.55 4.89 10.16
N LEU A 29 13.35 4.50 8.92
CA LEU A 29 13.36 3.09 8.58
C LEU A 29 14.74 2.48 8.81
N ILE A 30 14.72 1.24 9.28
CA ILE A 30 15.93 0.46 9.48
C ILE A 30 15.93 -0.66 8.44
N ASP A 31 17.10 -0.95 7.87
CA ASP A 31 17.19 -1.95 6.81
C ASP A 31 17.51 -3.33 7.35
N GLU A 32 17.72 -4.28 6.45
CA GLU A 32 17.88 -5.69 6.80
C GLU A 32 19.14 -5.95 7.64
N ALA A 33 20.08 -5.01 7.61
CA ALA A 33 21.34 -5.17 8.34
C ALA A 33 21.37 -4.32 9.61
N GLY A 34 20.24 -3.73 9.96
CA GLY A 34 20.16 -2.92 11.17
C GLY A 34 20.67 -1.51 10.95
N GLN A 35 20.77 -1.12 9.68
CA GLN A 35 21.28 0.19 9.31
C GLN A 35 20.17 1.16 8.93
N PRO A 36 20.34 2.45 9.31
CA PRO A 36 19.36 3.50 9.00
C PRO A 36 19.23 3.77 7.52
N LEU A 37 17.99 3.95 7.07
CA LEU A 37 17.69 4.25 5.67
C LEU A 37 17.25 5.69 5.53
N PRO A 38 17.32 6.22 4.30
CA PRO A 38 16.85 7.60 4.14
C PRO A 38 15.33 7.75 4.32
N GLN A 39 14.59 6.64 4.24
CA GLN A 39 13.14 6.66 4.35
C GLN A 39 12.63 6.91 5.78
N TYR A 40 11.47 7.54 5.89
CA TYR A 40 10.86 7.79 7.20
C TYR A 40 9.34 7.56 7.15
N GLU A 41 8.75 7.45 8.32
CA GLU A 41 7.29 7.40 8.47
C GLU A 41 6.95 8.12 9.76
N VAL A 42 5.85 8.85 9.77
CA VAL A 42 5.34 9.44 11.01
C VAL A 42 4.23 8.54 11.52
N ALA A 43 4.38 8.07 12.75
CA ALA A 43 3.46 7.09 13.31
C ALA A 43 2.84 7.55 14.62
N ALA A 44 1.60 7.16 14.83
CA ALA A 44 0.95 7.38 16.11
C ALA A 44 1.58 6.47 17.15
N ASP A 45 1.88 7.03 18.32
CA ASP A 45 2.53 6.27 19.38
C ASP A 45 1.71 6.26 20.66
N GLY A 46 1.06 5.12 20.92
CA GLY A 46 0.36 4.90 22.17
C GLY A 46 1.14 3.94 23.05
N VAL A 47 2.33 3.55 22.61
CA VAL A 47 3.19 2.68 23.39
C VAL A 47 4.09 3.49 24.32
N GLY A 48 4.67 4.56 23.79
CA GLY A 48 5.54 5.43 24.57
C GLY A 48 7.00 5.14 24.30
N ALA A 49 7.44 5.43 23.07
CA ALA A 49 8.81 5.15 22.67
C ALA A 49 9.66 6.42 22.69
N GLY A 50 10.89 6.27 23.18
CA GLY A 50 11.81 7.39 23.29
C GLY A 50 12.82 7.45 22.16
N LEU A 51 13.53 8.57 22.10
CA LEU A 51 14.55 8.79 21.09
C LEU A 51 15.50 7.62 20.93
N ASP A 52 15.77 7.25 19.69
CA ASP A 52 16.72 6.20 19.31
C ASP A 52 16.28 4.77 19.61
N GLU A 53 15.12 4.60 20.23
CA GLU A 53 14.60 3.26 20.43
C GLU A 53 14.16 2.65 19.10
N TRP A 54 14.31 1.33 18.98
CA TRP A 54 13.81 0.62 17.81
C TRP A 54 12.37 0.22 18.07
N VAL A 55 11.50 0.40 17.08
CA VAL A 55 10.12 0.00 17.21
C VAL A 55 9.67 -0.83 16.02
N LEU A 56 8.66 -1.66 16.24
CA LEU A 56 7.91 -2.24 15.14
C LEU A 56 6.73 -1.32 14.87
N PHE A 57 6.44 -1.08 13.59
CA PHE A 57 5.28 -0.28 13.25
C PHE A 57 4.54 -0.88 12.08
N SER A 58 3.23 -0.65 12.06
CA SER A 58 2.35 -1.14 11.03
C SER A 58 1.78 0.03 10.26
N ARG A 59 1.37 -0.25 9.02
CA ARG A 59 0.80 0.74 8.13
C ARG A 59 -0.59 0.32 7.69
N GLY A 60 -1.41 1.29 7.33
CA GLY A 60 -2.74 1.04 6.82
C GLY A 60 -3.79 1.00 7.91
N SER A 61 -4.89 0.32 7.64
CA SER A 61 -6.00 0.25 8.59
C SER A 61 -5.63 -0.43 9.90
N ALA A 62 -4.50 -1.14 9.92
CA ALA A 62 -3.93 -1.66 11.16
C ALA A 62 -3.85 -0.57 12.22
N ALA A 63 -3.60 0.67 11.81
CA ALA A 63 -3.39 1.75 12.76
C ALA A 63 -4.67 2.14 13.50
N ARG A 64 -5.81 1.70 12.97
CA ARG A 64 -7.09 2.03 13.58
C ARG A 64 -7.54 0.97 14.58
N GLN A 65 -6.76 -0.08 14.77
CA GLN A 65 -7.24 -1.22 15.58
C GLN A 65 -7.02 -1.08 17.08
N VAL A 66 -6.26 -0.08 17.50
CA VAL A 66 -6.02 0.11 18.93
C VAL A 66 -7.11 0.98 19.56
N ALA A 67 -7.33 0.79 20.86
CA ALA A 67 -8.39 1.47 21.58
C ALA A 67 -8.36 2.97 21.32
N GLY A 68 -9.49 3.51 20.85
CA GLY A 68 -9.61 4.94 20.63
C GLY A 68 -9.38 5.40 19.19
N SER A 69 -8.84 4.52 18.34
CA SER A 69 -8.43 4.94 17.00
C SER A 69 -9.31 4.41 15.85
N GLU A 70 -10.42 3.78 16.18
CA GLU A 70 -11.25 3.11 15.19
C GLU A 70 -11.66 4.02 14.02
N LYS A 71 -11.98 5.27 14.33
CA LYS A 71 -12.45 6.21 13.31
C LYS A 71 -11.48 7.37 13.11
N ARG A 72 -10.22 7.16 13.45
CA ARG A 72 -9.19 8.17 13.23
C ARG A 72 -8.53 8.00 11.87
N PRO A 73 -8.24 9.12 11.19
CA PRO A 73 -7.58 9.04 9.88
C PRO A 73 -6.07 8.82 10.00
N VAL A 74 -5.69 7.73 10.67
CA VAL A 74 -4.30 7.40 10.89
C VAL A 74 -3.92 6.14 10.12
N ASP A 75 -2.72 6.14 9.55
CA ASP A 75 -2.29 5.05 8.67
C ASP A 75 -0.93 4.46 9.06
N ALA A 76 -0.45 4.82 10.25
CA ALA A 76 0.78 4.24 10.76
C ALA A 76 0.75 4.26 12.28
N VAL A 77 1.15 3.16 12.88
CA VAL A 77 1.06 2.99 14.32
C VAL A 77 2.27 2.24 14.86
N VAL A 78 2.80 2.74 15.98
CA VAL A 78 3.84 2.03 16.71
C VAL A 78 3.16 0.92 17.49
N ILE A 79 3.59 -0.32 17.30
CA ILE A 79 2.95 -1.43 17.99
C ILE A 79 3.82 -2.03 19.09
N GLY A 80 5.12 -1.75 19.04
CA GLY A 80 6.01 -2.25 20.08
C GLY A 80 7.41 -1.69 20.06
N ILE A 81 7.99 -1.57 21.24
CA ILE A 81 9.41 -1.28 21.38
C ILE A 81 10.17 -2.60 21.28
N ILE A 82 11.17 -2.64 20.42
CA ILE A 82 11.91 -3.86 20.18
C ILE A 82 13.00 -4.06 21.23
N ASP A 83 13.04 -5.25 21.82
CA ASP A 83 14.07 -5.62 22.78
C ASP A 83 15.22 -6.30 22.06
N THR A 84 14.90 -7.26 21.20
CA THR A 84 15.92 -7.98 20.45
C THR A 84 15.49 -8.29 19.03
N VAL A 85 16.45 -8.31 18.12
CA VAL A 85 16.26 -8.90 16.81
C VAL A 85 17.35 -9.94 16.62
N SER A 86 16.94 -11.14 16.23
CA SER A 86 17.90 -12.22 15.98
C SER A 86 17.90 -12.56 14.49
N VAL A 87 19.07 -12.96 14.00
CA VAL A 87 19.22 -13.47 12.66
C VAL A 87 20.05 -14.75 12.73
N ASP A 88 19.57 -15.80 12.08
CA ASP A 88 20.26 -17.09 12.12
C ASP A 88 20.61 -17.49 13.55
N ASN A 89 19.70 -17.18 14.48
CA ASN A 89 19.88 -17.56 15.87
C ASN A 89 20.95 -16.75 16.59
N ARG A 90 21.44 -15.69 15.93
CA ARG A 90 22.43 -14.81 16.54
C ARG A 90 21.92 -13.36 16.59
N PRO A 91 22.40 -12.57 17.55
CA PRO A 91 21.93 -11.20 17.73
C PRO A 91 22.29 -10.25 16.59
N LEU A 92 21.30 -9.48 16.13
CA LEU A 92 21.54 -8.36 15.23
C LEU A 92 21.35 -7.08 16.02
N TYR A 93 20.38 -7.10 16.94
CA TYR A 93 20.09 -5.95 17.77
C TYR A 93 19.70 -6.39 19.17
N SER A 94 20.29 -5.74 20.16
CA SER A 94 19.89 -5.92 21.54
C SER A 94 19.77 -4.54 22.17
N LYS A 95 18.63 -4.29 22.79
CA LYS A 95 18.35 -2.99 23.38
C LYS A 95 19.35 -2.65 24.49
N LYS A 96 19.74 -3.66 25.25
CA LYS A 96 20.66 -3.47 26.37
C LYS A 96 22.04 -2.95 25.95
N ASP A 97 22.42 -3.15 24.70
CA ASP A 97 23.75 -2.80 24.22
C ASP A 97 23.81 -1.36 23.72
N MET B 1 1.91 7.94 8.38
CA MET B 1 1.73 9.29 7.79
C MET B 1 3.07 9.79 7.27
N GLN B 2 3.01 10.78 6.39
CA GLN B 2 4.23 11.45 5.95
C GLN B 2 4.04 12.96 5.91
N ILE B 3 5.13 13.66 5.63
CA ILE B 3 5.13 15.11 5.63
C ILE B 3 5.11 15.61 4.19
N GLY B 4 4.19 16.53 3.90
CA GLY B 4 4.09 17.09 2.57
C GLY B 4 4.17 18.59 2.63
N ARG B 5 4.70 19.19 1.57
CA ARG B 5 4.64 20.63 1.38
C ARG B 5 3.55 20.92 0.37
N VAL B 6 2.62 21.80 0.73
CA VAL B 6 1.55 22.19 -0.19
C VAL B 6 2.14 22.98 -1.35
N ARG B 7 2.01 22.45 -2.56
CA ARG B 7 2.61 23.07 -3.74
C ARG B 7 1.60 23.61 -4.73
N GLY B 8 0.36 23.14 -4.64
CA GLY B 8 -0.66 23.58 -5.58
C GLY B 8 -2.00 22.90 -5.39
N THR B 9 -2.85 23.05 -6.39
CA THR B 9 -4.19 22.50 -6.35
C THR B 9 -4.51 21.81 -7.67
N VAL B 10 -5.38 20.81 -7.59
CA VAL B 10 -5.88 20.12 -8.76
C VAL B 10 -7.38 20.37 -8.85
N VAL B 11 -7.84 20.76 -10.03
CA VAL B 11 -9.26 21.00 -10.26
C VAL B 11 -9.80 20.00 -11.28
N SER B 12 -10.90 19.35 -10.94
CA SER B 12 -11.55 18.37 -11.80
C SER B 12 -13.06 18.62 -11.79
N SER B 13 -13.63 18.85 -12.98
CA SER B 13 -15.07 19.12 -13.08
C SER B 13 -15.85 17.89 -13.54
N GLN B 14 -15.21 17.04 -14.33
CA GLN B 14 -15.82 15.81 -14.81
C GLN B 14 -15.39 14.72 -13.83
N LYS B 15 -16.27 14.34 -12.91
CA LYS B 15 -15.87 13.44 -11.84
C LYS B 15 -17.00 12.67 -11.17
N GLU B 16 -16.60 11.68 -10.38
CA GLU B 16 -17.55 10.91 -9.59
C GLU B 16 -18.32 11.88 -8.69
N PRO B 17 -19.66 11.79 -8.71
CA PRO B 17 -20.48 12.74 -7.94
C PRO B 17 -20.21 12.72 -6.44
N SER B 18 -19.79 11.59 -5.90
CA SER B 18 -19.45 11.51 -4.48
C SER B 18 -18.32 12.46 -4.13
N MET B 19 -17.49 12.81 -5.12
CA MET B 19 -16.29 13.61 -4.86
C MET B 19 -16.50 15.11 -5.00
N VAL B 20 -17.70 15.54 -5.36
CA VAL B 20 -17.97 16.97 -5.46
C VAL B 20 -17.87 17.57 -4.06
N GLY B 21 -17.24 18.72 -3.96
CA GLY B 21 -17.07 19.39 -2.68
C GLY B 21 -15.75 19.09 -1.99
N VAL B 22 -14.90 18.28 -2.62
CA VAL B 22 -13.61 17.96 -2.03
C VAL B 22 -12.50 18.80 -2.65
N LYS B 23 -11.73 19.48 -1.80
CA LYS B 23 -10.58 20.25 -2.27
C LYS B 23 -9.37 19.33 -2.42
N PHE B 24 -8.69 19.46 -3.56
CA PHE B 24 -7.54 18.62 -3.89
C PHE B 24 -6.24 19.40 -3.83
N LEU B 25 -5.41 19.11 -2.84
CA LEU B 25 -4.11 19.76 -2.74
C LEU B 25 -3.01 18.88 -3.32
N LEU B 26 -2.14 19.49 -4.13
CA LEU B 26 -0.95 18.83 -4.61
C LEU B 26 0.14 18.96 -3.54
N LEU B 27 0.52 17.82 -2.97
CA LEU B 27 1.54 17.79 -1.92
C LEU B 27 2.84 17.20 -2.44
N GLN B 28 3.94 17.91 -2.20
CA GLN B 28 5.27 17.41 -2.48
C GLN B 28 5.78 16.68 -1.24
N LEU B 29 6.19 15.43 -1.39
CA LEU B 29 6.76 14.72 -0.25
C LEU B 29 8.07 15.39 0.12
N ILE B 30 8.24 15.68 1.41
CA ILE B 30 9.49 16.25 1.91
C ILE B 30 9.94 15.50 3.15
N ASP B 31 11.23 15.62 3.48
CA ASP B 31 11.73 15.08 4.74
C ASP B 31 11.65 16.17 5.81
N GLU B 32 12.14 15.87 6.99
CA GLU B 32 11.92 16.74 8.14
C GLU B 32 12.70 18.06 8.06
N ALA B 33 13.63 18.16 7.11
CA ALA B 33 14.34 19.42 6.90
C ALA B 33 13.77 20.19 5.71
N GLY B 34 12.72 19.66 5.09
CA GLY B 34 12.05 20.37 4.01
C GLY B 34 12.59 20.02 2.64
N GLN B 35 13.46 19.03 2.57
CA GLN B 35 14.05 18.62 1.30
C GLN B 35 13.05 17.83 0.47
N PRO B 36 12.93 18.17 -0.83
CA PRO B 36 11.99 17.50 -1.73
C PRO B 36 12.36 16.05 -1.98
N LEU B 37 11.37 15.17 -1.90
CA LEU B 37 11.57 13.78 -2.28
C LEU B 37 10.79 13.49 -3.55
N PRO B 38 11.26 12.54 -4.36
CA PRO B 38 10.67 12.27 -5.68
C PRO B 38 9.35 11.50 -5.58
N GLN B 39 8.43 12.05 -4.79
CA GLN B 39 7.08 11.52 -4.71
C GLN B 39 6.14 12.67 -4.40
N TYR B 40 4.87 12.47 -4.70
CA TYR B 40 3.89 13.48 -4.41
C TYR B 40 2.59 12.77 -4.07
N GLU B 41 1.63 13.52 -3.54
CA GLU B 41 0.31 12.99 -3.28
C GLU B 41 -0.70 14.10 -3.52
N VAL B 42 -1.83 13.76 -4.14
CA VAL B 42 -2.94 14.69 -4.22
C VAL B 42 -3.91 14.28 -3.14
N ALA B 43 -4.14 15.18 -2.19
CA ALA B 43 -4.87 14.83 -0.98
C ALA B 43 -6.10 15.71 -0.77
N ALA B 44 -7.15 15.10 -0.25
CA ALA B 44 -8.31 15.84 0.24
C ALA B 44 -7.89 16.70 1.41
N ASP B 45 -8.36 17.93 1.44
CA ASP B 45 -8.03 18.85 2.53
C ASP B 45 -9.28 19.47 3.14
N GLY B 46 -9.63 19.01 4.34
CA GLY B 46 -10.71 19.61 5.09
C GLY B 46 -10.22 20.39 6.29
N VAL B 47 -8.91 20.62 6.34
CA VAL B 47 -8.29 21.38 7.42
C VAL B 47 -8.10 22.83 7.01
N GLY B 48 -7.69 23.04 5.75
CA GLY B 48 -7.52 24.38 5.21
C GLY B 48 -6.08 24.84 5.12
N ALA B 49 -5.27 24.03 4.44
CA ALA B 49 -3.84 24.31 4.34
C ALA B 49 -3.52 25.18 3.13
N GLY B 50 -2.63 26.15 3.32
CA GLY B 50 -2.26 27.05 2.25
C GLY B 50 -0.93 26.70 1.63
N LEU B 51 -0.61 27.41 0.55
CA LEU B 51 0.62 27.19 -0.19
C LEU B 51 1.84 27.25 0.72
N ASP B 52 2.75 26.31 0.52
CA ASP B 52 4.05 26.22 1.21
C ASP B 52 3.97 25.79 2.67
N GLU B 53 2.77 25.61 3.21
CA GLU B 53 2.61 25.07 4.55
C GLU B 53 3.04 23.61 4.56
N TRP B 54 3.49 23.13 5.72
CA TRP B 54 3.80 21.71 5.90
C TRP B 54 2.59 21.02 6.50
N VAL B 55 2.26 19.85 5.95
CA VAL B 55 1.13 19.09 6.46
C VAL B 55 1.50 17.63 6.72
N LEU B 56 0.76 17.04 7.65
CA LEU B 56 0.80 15.63 7.90
C LEU B 56 -0.34 15.02 7.10
N PHE B 57 -0.06 14.01 6.29
CA PHE B 57 -1.11 13.37 5.53
C PHE B 57 -1.06 11.85 5.67
N SER B 58 -2.24 11.25 5.52
CA SER B 58 -2.39 9.81 5.58
C SER B 58 -2.87 9.26 4.24
N ARG B 59 -2.54 7.99 3.99
CA ARG B 59 -2.93 7.31 2.77
C ARG B 59 -3.84 6.11 3.07
N GLY B 60 -4.64 5.73 2.09
CA GLY B 60 -5.49 4.55 2.20
C GLY B 60 -6.83 4.87 2.80
N SER B 61 -7.44 3.86 3.41
CA SER B 61 -8.79 3.99 3.95
C SER B 61 -8.86 4.98 5.11
N ALA B 62 -7.71 5.38 5.63
CA ALA B 62 -7.62 6.47 6.60
C ALA B 62 -8.35 7.70 6.09
N ALA B 63 -8.29 7.93 4.79
CA ALA B 63 -8.86 9.14 4.21
C ALA B 63 -10.37 9.16 4.31
N ARG B 64 -10.97 7.97 4.49
CA ARG B 64 -12.42 7.85 4.56
C ARG B 64 -12.96 7.99 6.00
N GLN B 65 -12.07 8.25 6.95
CA GLN B 65 -12.48 8.31 8.35
C GLN B 65 -13.00 9.68 8.75
N VAL B 66 -12.70 10.69 7.93
CA VAL B 66 -13.16 12.04 8.18
C VAL B 66 -14.64 12.15 7.87
N ALA B 67 -15.40 12.75 8.78
CA ALA B 67 -16.84 12.90 8.59
C ALA B 67 -17.15 13.45 7.20
N GLY B 68 -18.06 12.77 6.50
CA GLY B 68 -18.44 13.18 5.16
C GLY B 68 -17.76 12.37 4.07
N SER B 69 -16.69 11.65 4.41
CA SER B 69 -15.90 10.94 3.42
C SER B 69 -15.94 9.42 3.56
N GLU B 70 -16.83 8.92 4.41
CA GLU B 70 -16.94 7.50 4.68
C GLU B 70 -17.14 6.65 3.42
N LYS B 71 -17.87 7.18 2.45
CA LYS B 71 -18.12 6.45 1.21
C LYS B 71 -17.60 7.19 -0.03
N ARG B 72 -16.57 8.00 0.15
CA ARG B 72 -15.89 8.64 -0.97
C ARG B 72 -14.69 7.82 -1.42
N PRO B 73 -14.42 7.78 -2.73
CA PRO B 73 -13.28 7.06 -3.30
C PRO B 73 -11.99 7.87 -3.15
N VAL B 74 -11.68 8.22 -1.90
CA VAL B 74 -10.55 9.06 -1.58
C VAL B 74 -9.51 8.22 -0.83
N ASP B 75 -8.24 8.37 -1.19
CA ASP B 75 -7.16 7.54 -0.63
C ASP B 75 -6.00 8.35 -0.05
N ALA B 76 -6.21 9.66 0.10
CA ALA B 76 -5.20 10.50 0.75
C ALA B 76 -5.89 11.71 1.38
N VAL B 77 -5.48 12.05 2.59
CA VAL B 77 -6.11 13.12 3.34
C VAL B 77 -5.10 13.93 4.17
N VAL B 78 -5.24 15.24 4.14
CA VAL B 78 -4.51 16.10 5.06
C VAL B 78 -5.16 15.97 6.44
N ILE B 79 -4.37 15.60 7.45
CA ILE B 79 -4.94 15.45 8.79
C ILE B 79 -4.55 16.61 9.72
N GLY B 80 -3.52 17.35 9.35
CA GLY B 80 -3.13 18.49 10.15
C GLY B 80 -2.04 19.34 9.52
N ILE B 81 -2.01 20.60 9.93
CA ILE B 81 -0.92 21.49 9.57
C ILE B 81 0.16 21.39 10.63
N ILE B 82 1.41 21.23 10.19
CA ILE B 82 2.52 21.01 11.11
C ILE B 82 3.07 22.33 11.65
N ASP B 83 3.21 22.40 12.97
CA ASP B 83 3.81 23.55 13.64
C ASP B 83 5.31 23.34 13.84
N THR B 84 5.67 22.18 14.39
CA THR B 84 7.07 21.89 14.66
C THR B 84 7.42 20.46 14.35
N VAL B 85 8.65 20.26 13.90
CA VAL B 85 9.26 18.94 13.86
C VAL B 85 10.54 19.00 14.70
N SER B 86 10.55 18.29 15.82
CA SER B 86 11.72 18.26 16.68
C SER B 86 12.50 16.99 16.42
N VAL B 87 13.81 17.12 16.34
CA VAL B 87 14.69 15.97 16.17
C VAL B 87 15.78 16.06 17.22
N ASP B 88 16.13 14.92 17.82
CA ASP B 88 17.11 14.91 18.91
C ASP B 88 16.86 16.03 19.91
N ASN B 89 15.59 16.29 20.21
CA ASN B 89 15.20 17.31 21.17
C ASN B 89 15.61 18.73 20.77
N ARG B 90 15.89 18.92 19.49
CA ARG B 90 16.20 20.24 18.96
C ARG B 90 15.22 20.56 17.84
N PRO B 91 14.71 21.80 17.79
CA PRO B 91 13.75 22.14 16.74
C PRO B 91 14.39 22.19 15.36
N LEU B 92 13.80 21.51 14.39
CA LEU B 92 14.31 21.47 13.03
C LEU B 92 13.39 22.24 12.09
N TYR B 93 12.10 22.19 12.37
CA TYR B 93 11.12 23.03 11.67
C TYR B 93 10.25 23.76 12.68
N SER B 94 10.10 25.06 12.47
CA SER B 94 9.16 25.86 13.25
C SER B 94 8.40 26.76 12.31
N LYS B 95 7.08 26.80 12.47
CA LYS B 95 6.22 27.59 11.60
C LYS B 95 6.45 29.08 11.84
N MET C 1 0.52 -11.68 -2.57
CA MET C 1 1.43 -12.30 -1.57
C MET C 1 2.85 -12.33 -2.14
N GLN C 2 3.83 -12.36 -1.24
CA GLN C 2 5.21 -12.52 -1.65
C GLN C 2 5.81 -13.76 -1.00
N ILE C 3 6.98 -14.16 -1.48
CA ILE C 3 7.71 -15.25 -0.88
C ILE C 3 8.79 -14.70 0.03
N GLY C 4 8.88 -15.22 1.23
CA GLY C 4 9.94 -14.83 2.15
C GLY C 4 10.64 -16.04 2.72
N ARG C 5 11.85 -15.83 3.20
CA ARG C 5 12.63 -16.84 3.90
C ARG C 5 12.71 -16.43 5.36
N VAL C 6 12.46 -17.36 6.25
CA VAL C 6 12.51 -17.06 7.68
C VAL C 6 13.96 -16.87 8.09
N ARG C 7 14.31 -15.66 8.52
CA ARG C 7 15.70 -15.35 8.85
C ARG C 7 15.91 -15.13 10.34
N GLY C 8 14.84 -14.87 11.08
CA GLY C 8 14.97 -14.67 12.50
C GLY C 8 13.69 -14.30 13.22
N THR C 9 13.85 -13.65 14.36
CA THR C 9 12.76 -13.36 15.27
C THR C 9 12.91 -11.98 15.87
N VAL C 10 11.79 -11.30 16.09
CA VAL C 10 11.78 -10.02 16.77
C VAL C 10 11.02 -10.18 18.09
N VAL C 11 11.60 -9.69 19.17
CA VAL C 11 10.97 -9.78 20.48
C VAL C 11 10.70 -8.39 21.02
N SER C 12 9.47 -8.17 21.50
CA SER C 12 9.04 -6.89 22.06
C SER C 12 8.24 -7.15 23.34
N SER C 13 8.69 -6.57 24.45
CA SER C 13 7.98 -6.74 25.71
C SER C 13 7.07 -5.54 26.00
N GLN C 14 7.51 -4.36 25.60
CA GLN C 14 6.70 -3.16 25.78
C GLN C 14 5.99 -2.87 24.47
N LYS C 15 4.68 -3.11 24.45
CA LYS C 15 3.92 -3.11 23.20
C LYS C 15 2.43 -2.90 23.44
N GLU C 16 1.71 -2.59 22.37
CA GLU C 16 0.26 -2.48 22.45
C GLU C 16 -0.30 -3.78 23.02
N PRO C 17 -1.18 -3.68 24.03
CA PRO C 17 -1.68 -4.92 24.65
C PRO C 17 -2.44 -5.84 23.70
N SER C 18 -2.99 -5.29 22.62
CA SER C 18 -3.67 -6.10 21.61
C SER C 18 -2.70 -6.95 20.80
N MET C 19 -1.40 -6.76 21.01
CA MET C 19 -0.40 -7.54 20.29
C MET C 19 0.18 -8.69 21.14
N VAL C 20 -0.32 -8.85 22.35
CA VAL C 20 0.17 -9.93 23.20
C VAL C 20 -0.13 -11.28 22.56
N GLY C 21 0.85 -12.17 22.56
CA GLY C 21 0.68 -13.50 22.03
C GLY C 21 1.05 -13.68 20.56
N VAL C 22 1.42 -12.59 19.90
CA VAL C 22 1.84 -12.68 18.50
C VAL C 22 3.34 -12.93 18.39
N LYS C 23 3.70 -13.99 17.67
CA LYS C 23 5.10 -14.24 17.36
C LYS C 23 5.51 -13.47 16.11
N PHE C 24 6.63 -12.75 16.20
CA PHE C 24 7.11 -11.93 15.09
C PHE C 24 8.28 -12.59 14.34
N LEU C 25 8.04 -13.02 13.12
CA LEU C 25 9.11 -13.56 12.29
C LEU C 25 9.71 -12.50 11.40
N LEU C 26 11.04 -12.47 11.36
CA LEU C 26 11.77 -11.65 10.41
C LEU C 26 11.93 -12.42 9.10
N LEU C 27 11.31 -11.92 8.05
CA LEU C 27 11.34 -12.56 6.75
C LEU C 27 12.24 -11.82 5.78
N GLN C 28 13.05 -12.56 5.06
CA GLN C 28 13.84 -12.00 3.98
C GLN C 28 13.10 -12.26 2.67
N LEU C 29 12.89 -11.20 1.89
CA LEU C 29 12.21 -11.35 0.61
C LEU C 29 13.03 -12.20 -0.36
N ILE C 30 12.31 -13.04 -1.12
CA ILE C 30 12.89 -13.87 -2.15
C ILE C 30 12.40 -13.34 -3.49
N ASP C 31 13.28 -13.28 -4.48
CA ASP C 31 12.90 -12.70 -5.77
C ASP C 31 12.39 -13.77 -6.75
N GLU C 32 12.03 -13.31 -7.95
CA GLU C 32 11.44 -14.17 -8.97
C GLU C 32 12.28 -15.41 -9.27
N ALA C 33 13.60 -15.28 -9.10
CA ALA C 33 14.52 -16.35 -9.46
C ALA C 33 14.94 -17.18 -8.25
N GLY C 34 14.24 -17.01 -7.13
CA GLY C 34 14.53 -17.73 -5.91
C GLY C 34 15.74 -17.18 -5.15
N GLN C 35 16.12 -15.94 -5.46
CA GLN C 35 17.29 -15.32 -4.85
C GLN C 35 16.89 -14.36 -3.74
N PRO C 36 17.64 -14.38 -2.63
CA PRO C 36 17.41 -13.46 -1.52
C PRO C 36 17.54 -11.99 -1.93
N LEU C 37 16.67 -11.15 -1.37
CA LEU C 37 16.69 -9.71 -1.64
C LEU C 37 17.06 -8.97 -0.37
N PRO C 38 17.52 -7.72 -0.51
CA PRO C 38 17.86 -6.91 0.68
C PRO C 38 16.63 -6.46 1.47
N GLN C 39 15.44 -6.67 0.91
CA GLN C 39 14.20 -6.29 1.59
C GLN C 39 13.79 -7.30 2.66
N TYR C 40 13.02 -6.83 3.64
CA TYR C 40 12.49 -7.71 4.67
C TYR C 40 11.06 -7.33 5.06
N GLU C 41 10.42 -8.21 5.82
CA GLU C 41 9.14 -7.89 6.43
C GLU C 41 9.09 -8.62 7.75
N VAL C 42 8.54 -7.96 8.77
CA VAL C 42 8.29 -8.64 10.03
C VAL C 42 6.81 -9.03 10.03
N ALA C 43 6.55 -10.33 10.15
CA ALA C 43 5.19 -10.84 10.00
C ALA C 43 4.77 -11.66 11.21
N ALA C 44 3.48 -11.57 11.54
CA ALA C 44 2.86 -12.45 12.51
C ALA C 44 2.85 -13.87 11.97
N ASP C 45 3.15 -14.84 12.82
CA ASP C 45 3.16 -16.23 12.40
C ASP C 45 2.33 -17.12 13.31
N GLY C 46 1.22 -17.62 12.78
CA GLY C 46 0.38 -18.57 13.49
C GLY C 46 0.42 -19.94 12.84
N VAL C 47 1.35 -20.14 11.90
CA VAL C 47 1.48 -21.39 11.19
C VAL C 47 2.57 -22.27 11.81
N GLY C 48 3.66 -21.64 12.24
CA GLY C 48 4.75 -22.34 12.90
C GLY C 48 5.95 -22.57 12.02
N ALA C 49 6.43 -21.51 11.40
CA ALA C 49 7.53 -21.60 10.45
C ALA C 49 8.88 -21.45 11.15
N GLY C 50 9.83 -22.28 10.76
CA GLY C 50 11.17 -22.23 11.35
C GLY C 50 12.21 -21.61 10.43
N LEU C 51 13.39 -21.36 11.00
CA LEU C 51 14.49 -20.77 10.25
C LEU C 51 14.73 -21.44 8.90
N ASP C 52 14.91 -20.60 7.88
CA ASP C 52 15.27 -21.02 6.52
C ASP C 52 14.11 -21.55 5.70
N GLU C 53 12.96 -21.77 6.33
CA GLU C 53 11.79 -22.21 5.57
C GLU C 53 11.30 -21.06 4.70
N TRP C 54 10.75 -21.40 3.54
CA TRP C 54 10.13 -20.42 2.67
C TRP C 54 8.65 -20.33 3.03
N VAL C 55 8.14 -19.12 3.06
CA VAL C 55 6.75 -18.91 3.41
C VAL C 55 6.09 -17.97 2.43
N LEU C 56 4.78 -18.13 2.30
CA LEU C 56 3.96 -17.16 1.59
C LEU C 56 3.43 -16.20 2.65
N PHE C 57 3.54 -14.90 2.41
CA PHE C 57 3.00 -13.94 3.35
C PHE C 57 2.19 -12.84 2.67
N SER C 58 1.21 -12.32 3.41
CA SER C 58 0.34 -11.26 2.93
C SER C 58 0.56 -9.99 3.72
N ARG C 59 0.27 -8.85 3.11
CA ARG C 59 0.36 -7.56 3.76
C ARG C 59 -0.99 -6.85 3.83
N GLY C 60 -1.09 -5.94 4.79
CA GLY C 60 -2.27 -5.11 4.93
C GLY C 60 -3.32 -5.75 5.81
N SER C 61 -4.57 -5.37 5.58
CA SER C 61 -5.67 -5.87 6.39
C SER C 61 -5.89 -7.38 6.26
N ALA C 62 -5.25 -7.99 5.26
CA ALA C 62 -5.22 -9.45 5.15
C ALA C 62 -4.77 -10.08 6.46
N ALA C 63 -3.84 -9.41 7.13
CA ALA C 63 -3.25 -9.95 8.35
C ALA C 63 -4.24 -10.08 9.51
N ARG C 64 -5.35 -9.35 9.45
CA ARG C 64 -6.34 -9.38 10.52
C ARG C 64 -7.42 -10.44 10.28
N GLN C 65 -7.34 -11.14 9.15
CA GLN C 65 -8.39 -12.09 8.78
C GLN C 65 -8.26 -13.45 9.48
N VAL C 66 -7.08 -13.73 10.01
CA VAL C 66 -6.87 -14.99 10.71
C VAL C 66 -7.56 -14.95 12.08
N ALA C 67 -8.21 -16.05 12.44
CA ALA C 67 -8.91 -16.13 13.72
C ALA C 67 -8.01 -15.68 14.85
N GLY C 68 -8.50 -14.75 15.66
CA GLY C 68 -7.73 -14.27 16.80
C GLY C 68 -6.98 -12.97 16.55
N SER C 69 -7.07 -12.44 15.34
CA SER C 69 -6.34 -11.21 15.00
C SER C 69 -7.21 -10.13 14.38
N GLU C 70 -8.52 -10.28 14.49
CA GLU C 70 -9.44 -9.37 13.81
C GLU C 70 -9.24 -7.90 14.18
N LYS C 71 -8.89 -7.65 15.43
CA LYS C 71 -8.66 -6.28 15.88
C LYS C 71 -7.29 -6.11 16.50
N ARG C 72 -6.29 -6.68 15.84
CA ARG C 72 -4.90 -6.44 16.19
C ARG C 72 -4.31 -5.49 15.15
N PRO C 73 -3.42 -4.59 15.56
CA PRO C 73 -2.76 -3.69 14.62
C PRO C 73 -1.62 -4.36 13.85
N VAL C 74 -1.92 -5.46 13.16
CA VAL C 74 -0.94 -6.21 12.41
C VAL C 74 -1.18 -5.97 10.92
N ASP C 75 -0.09 -5.83 10.17
CA ASP C 75 -0.19 -5.57 8.73
C ASP C 75 0.65 -6.54 7.89
N ALA C 76 1.09 -7.64 8.50
CA ALA C 76 1.76 -8.70 7.74
C ALA C 76 1.57 -10.04 8.45
N VAL C 77 1.31 -11.08 7.67
CA VAL C 77 1.02 -12.40 8.23
C VAL C 77 1.57 -13.52 7.35
N VAL C 78 2.14 -14.54 7.99
CA VAL C 78 2.54 -15.76 7.31
C VAL C 78 1.28 -16.60 7.08
N ILE C 79 0.99 -16.95 5.83
CA ILE C 79 -0.22 -17.71 5.56
C ILE C 79 0.06 -19.17 5.24
N GLY C 80 1.30 -19.50 4.92
CA GLY C 80 1.65 -20.89 4.66
C GLY C 80 3.14 -21.12 4.49
N ILE C 81 3.57 -22.33 4.85
CA ILE C 81 4.93 -22.77 4.56
C ILE C 81 4.92 -23.36 3.16
N ILE C 82 5.87 -22.93 2.33
CA ILE C 82 5.92 -23.35 0.94
C ILE C 82 6.61 -24.71 0.78
N ASP C 83 5.98 -25.63 0.05
CA ASP C 83 6.57 -26.93 -0.26
C ASP C 83 7.29 -26.88 -1.61
N THR C 84 6.65 -26.25 -2.58
CA THR C 84 7.24 -26.15 -3.91
C THR C 84 6.88 -24.85 -4.60
N VAL C 85 7.83 -24.35 -5.38
CA VAL C 85 7.54 -23.30 -6.35
C VAL C 85 7.94 -23.85 -7.71
N SER C 86 6.98 -23.85 -8.63
CA SER C 86 7.20 -24.36 -9.97
C SER C 86 7.14 -23.20 -10.93
N VAL C 87 8.02 -23.19 -11.93
CA VAL C 87 8.00 -22.17 -12.96
C VAL C 87 8.08 -22.85 -14.31
N ASP C 88 7.11 -22.57 -15.17
CA ASP C 88 7.10 -23.14 -16.51
C ASP C 88 7.27 -24.65 -16.43
N ASN C 89 6.63 -25.25 -15.42
CA ASN C 89 6.64 -26.70 -15.22
C ASN C 89 7.98 -27.28 -14.76
N ARG C 90 8.85 -26.44 -14.21
CA ARG C 90 10.09 -26.90 -13.61
C ARG C 90 10.23 -26.38 -12.19
N PRO C 91 10.86 -27.17 -11.32
CA PRO C 91 11.05 -26.76 -9.92
C PRO C 91 12.05 -25.61 -9.74
N LEU C 92 11.60 -24.54 -9.09
CA LEU C 92 12.48 -23.47 -8.68
C LEU C 92 12.93 -23.78 -7.26
N TYR C 93 11.98 -24.21 -6.45
CA TYR C 93 12.23 -24.52 -5.05
C TYR C 93 11.48 -25.77 -4.68
N SER C 94 12.15 -26.66 -3.94
CA SER C 94 11.50 -27.84 -3.41
C SER C 94 11.97 -28.05 -1.99
N LYS C 95 11.01 -28.03 -1.07
CA LYS C 95 11.30 -28.22 0.33
C LYS C 95 11.91 -29.60 0.55
N MET D 1 -4.97 -1.77 -10.42
CA MET D 1 -4.62 -3.12 -10.92
C MET D 1 -3.33 -3.06 -11.71
N GLN D 2 -2.65 -4.20 -11.80
CA GLN D 2 -1.48 -4.33 -12.65
C GLN D 2 -1.66 -5.50 -13.59
N ILE D 3 -0.81 -5.52 -14.62
CA ILE D 3 -0.79 -6.60 -15.59
C ILE D 3 0.31 -7.57 -15.20
N GLY D 4 -0.03 -8.86 -15.13
CA GLY D 4 0.94 -9.89 -14.86
C GLY D 4 0.89 -11.02 -15.88
N ARG D 5 2.03 -11.68 -16.04
CA ARG D 5 2.14 -12.86 -16.89
C ARG D 5 2.26 -14.08 -16.00
N VAL D 6 1.44 -15.09 -16.26
CA VAL D 6 1.47 -16.31 -15.45
C VAL D 6 2.75 -17.10 -15.73
N ARG D 7 3.58 -17.26 -14.71
CA ARG D 7 4.85 -17.97 -14.87
C ARG D 7 4.92 -19.30 -14.13
N GLY D 8 4.07 -19.51 -13.14
CA GLY D 8 4.14 -20.74 -12.37
C GLY D 8 3.14 -20.81 -11.23
N THR D 9 3.42 -21.72 -10.29
CA THR D 9 2.53 -21.96 -9.17
C THR D 9 3.31 -22.15 -7.88
N VAL D 10 2.65 -21.88 -6.77
CA VAL D 10 3.21 -22.12 -5.45
C VAL D 10 2.31 -23.09 -4.72
N VAL D 11 2.89 -24.09 -4.07
CA VAL D 11 2.11 -25.07 -3.34
C VAL D 11 2.54 -25.12 -1.88
N SER D 12 1.55 -25.14 -1.00
CA SER D 12 1.75 -25.11 0.44
C SER D 12 0.78 -26.09 1.10
N SER D 13 1.31 -27.02 1.89
CA SER D 13 0.45 -27.97 2.59
C SER D 13 0.18 -27.53 4.04
N GLN D 14 1.20 -26.99 4.68
CA GLN D 14 1.05 -26.48 6.05
C GLN D 14 0.75 -25.00 5.99
N LYS D 15 -0.51 -24.65 6.24
CA LYS D 15 -0.98 -23.29 6.02
C LYS D 15 -2.21 -22.95 6.87
N GLU D 16 -2.54 -21.67 6.91
CA GLU D 16 -3.74 -21.23 7.60
C GLU D 16 -4.96 -21.95 7.01
N PRO D 17 -5.81 -22.51 7.87
CA PRO D 17 -6.96 -23.31 7.40
C PRO D 17 -7.86 -22.55 6.45
N SER D 18 -7.95 -21.23 6.62
CA SER D 18 -8.80 -20.41 5.77
C SER D 18 -8.31 -20.39 4.31
N MET D 19 -7.09 -20.84 4.07
CA MET D 19 -6.50 -20.79 2.73
C MET D 19 -6.52 -22.13 2.00
N VAL D 20 -7.16 -23.13 2.59
CA VAL D 20 -7.25 -24.44 1.95
C VAL D 20 -8.08 -24.33 0.67
N GLY D 21 -7.63 -25.00 -0.38
CA GLY D 21 -8.39 -25.07 -1.62
C GLY D 21 -8.25 -23.86 -2.52
N VAL D 22 -7.27 -23.01 -2.23
CA VAL D 22 -7.01 -21.81 -3.03
C VAL D 22 -5.75 -22.00 -3.87
N LYS D 23 -5.87 -21.77 -5.18
CA LYS D 23 -4.73 -21.93 -6.07
C LYS D 23 -3.88 -20.67 -6.11
N PHE D 24 -2.56 -20.84 -5.99
CA PHE D 24 -1.63 -19.72 -6.00
C PHE D 24 -0.81 -19.68 -7.28
N LEU D 25 -0.98 -18.61 -8.05
CA LEU D 25 -0.19 -18.40 -9.26
C LEU D 25 0.93 -17.42 -9.02
N LEU D 26 2.10 -17.76 -9.54
CA LEU D 26 3.23 -16.84 -9.59
C LEU D 26 3.11 -15.97 -10.84
N LEU D 27 2.96 -14.66 -10.62
CA LEU D 27 2.81 -13.71 -11.72
C LEU D 27 4.05 -12.84 -11.85
N GLN D 28 4.52 -12.70 -13.09
CA GLN D 28 5.61 -11.77 -13.38
C GLN D 28 5.00 -10.46 -13.87
N LEU D 29 5.40 -9.36 -13.25
CA LEU D 29 4.91 -8.07 -13.69
C LEU D 29 5.36 -7.72 -15.11
N ILE D 30 4.46 -7.08 -15.83
CA ILE D 30 4.68 -6.64 -17.19
C ILE D 30 4.63 -5.12 -17.15
N ASP D 31 5.49 -4.47 -17.93
CA ASP D 31 5.57 -3.02 -17.89
C ASP D 31 4.70 -2.37 -18.96
N GLU D 32 4.74 -1.04 -18.99
CA GLU D 32 3.97 -0.23 -19.91
C GLU D 32 4.17 -0.60 -21.38
N ALA D 33 5.30 -1.24 -21.68
CA ALA D 33 5.64 -1.59 -23.06
C ALA D 33 5.45 -3.07 -23.37
N GLY D 34 4.88 -3.82 -22.43
CA GLY D 34 4.59 -5.22 -22.65
C GLY D 34 5.74 -6.14 -22.32
N GLN D 35 6.77 -5.61 -21.67
CA GLN D 35 7.97 -6.40 -21.35
C GLN D 35 8.04 -6.77 -19.87
N PRO D 36 8.67 -7.91 -19.58
CA PRO D 36 8.84 -8.43 -18.22
C PRO D 36 9.58 -7.45 -17.30
N LEU D 37 9.09 -7.33 -16.08
CA LEU D 37 9.81 -6.64 -15.01
C LEU D 37 10.28 -7.69 -14.01
N PRO D 38 11.29 -7.36 -13.21
CA PRO D 38 11.75 -8.37 -12.25
C PRO D 38 10.79 -8.61 -11.08
N GLN D 39 9.84 -7.71 -10.87
CA GLN D 39 8.89 -7.86 -9.76
C GLN D 39 7.90 -8.99 -10.05
N TYR D 40 7.37 -9.57 -8.98
CA TYR D 40 6.40 -10.66 -9.08
C TYR D 40 5.35 -10.50 -7.99
N GLU D 41 4.25 -11.23 -8.13
CA GLU D 41 3.24 -11.30 -7.10
C GLU D 41 2.72 -12.73 -7.11
N VAL D 42 2.45 -13.27 -5.93
CA VAL D 42 1.75 -14.54 -5.86
C VAL D 42 0.29 -14.21 -5.56
N ALA D 43 -0.59 -14.65 -6.45
CA ALA D 43 -2.00 -14.26 -6.37
C ALA D 43 -2.91 -15.48 -6.35
N ALA D 44 -4.00 -15.35 -5.60
CA ALA D 44 -5.09 -16.32 -5.64
C ALA D 44 -5.74 -16.26 -7.02
N ASP D 45 -6.00 -17.43 -7.60
CA ASP D 45 -6.63 -17.48 -8.92
C ASP D 45 -7.89 -18.31 -8.88
N GLY D 46 -9.03 -17.65 -9.01
CA GLY D 46 -10.31 -18.32 -9.09
C GLY D 46 -10.86 -18.30 -10.50
N VAL D 47 -10.14 -17.66 -11.41
CA VAL D 47 -10.58 -17.54 -12.80
C VAL D 47 -10.12 -18.71 -13.68
N GLY D 48 -8.86 -19.11 -13.53
CA GLY D 48 -8.32 -20.24 -14.29
C GLY D 48 -7.37 -19.86 -15.40
N ALA D 49 -6.34 -19.08 -15.05
CA ALA D 49 -5.36 -18.64 -16.04
C ALA D 49 -4.24 -19.66 -16.17
N GLY D 50 -3.81 -19.89 -17.41
CA GLY D 50 -2.73 -20.83 -17.68
C GLY D 50 -1.41 -20.14 -17.90
N LEU D 51 -0.36 -20.95 -18.00
CA LEU D 51 1.00 -20.44 -18.23
C LEU D 51 1.06 -19.51 -19.42
N ASP D 52 1.77 -18.40 -19.23
CA ASP D 52 2.03 -17.39 -20.26
C ASP D 52 0.86 -16.48 -20.59
N GLU D 53 -0.31 -16.75 -20.01
CA GLU D 53 -1.43 -15.82 -20.19
C GLU D 53 -1.18 -14.53 -19.42
N TRP D 54 -1.69 -13.42 -19.96
CA TRP D 54 -1.65 -12.15 -19.25
C TRP D 54 -2.91 -12.04 -18.41
N VAL D 55 -2.76 -11.51 -17.20
CA VAL D 55 -3.89 -11.33 -16.30
C VAL D 55 -3.90 -9.93 -15.72
N LEU D 56 -5.10 -9.49 -15.35
CA LEU D 56 -5.27 -8.31 -14.53
C LEU D 56 -5.35 -8.79 -13.10
N PHE D 57 -4.54 -8.23 -12.22
CA PHE D 57 -4.65 -8.58 -10.81
C PHE D 57 -4.72 -7.36 -9.90
N SER D 58 -5.34 -7.57 -8.74
CA SER D 58 -5.54 -6.53 -7.75
C SER D 58 -4.82 -6.92 -6.45
N ARG D 59 -4.49 -5.89 -5.67
CA ARG D 59 -3.80 -6.07 -4.41
C ARG D 59 -4.62 -5.48 -3.29
N GLY D 60 -4.35 -5.93 -2.07
CA GLY D 60 -5.01 -5.41 -0.89
C GLY D 60 -6.32 -6.11 -0.59
N SER D 61 -7.20 -5.40 0.11
CA SER D 61 -8.50 -5.94 0.52
C SER D 61 -9.39 -6.26 -0.69
N ALA D 62 -9.02 -5.75 -1.87
CA ALA D 62 -9.73 -6.13 -3.10
C ALA D 62 -9.75 -7.65 -3.28
N ALA D 63 -8.70 -8.31 -2.80
CA ALA D 63 -8.55 -9.74 -2.97
C ALA D 63 -9.60 -10.54 -2.18
N ARG D 64 -10.21 -9.89 -1.19
CA ARG D 64 -11.18 -10.56 -0.34
C ARG D 64 -12.61 -10.41 -0.86
N GLN D 65 -12.78 -9.70 -1.97
CA GLN D 65 -14.13 -9.38 -2.44
C GLN D 65 -14.76 -10.50 -3.25
N VAL D 66 -13.94 -11.40 -3.78
CA VAL D 66 -14.45 -12.54 -4.56
C VAL D 66 -15.13 -13.54 -3.64
N ALA D 67 -16.22 -14.14 -4.12
CA ALA D 67 -17.02 -15.07 -3.32
C ALA D 67 -16.15 -16.05 -2.56
N GLY D 68 -16.35 -16.12 -1.25
CA GLY D 68 -15.65 -17.07 -0.42
C GLY D 68 -14.38 -16.56 0.26
N SER D 69 -13.88 -15.41 -0.18
CA SER D 69 -12.59 -14.90 0.28
C SER D 69 -12.71 -13.79 1.31
N GLU D 70 -13.93 -13.51 1.74
CA GLU D 70 -14.20 -12.35 2.58
C GLU D 70 -13.37 -12.34 3.87
N LYS D 71 -13.07 -13.51 4.41
CA LYS D 71 -12.26 -13.61 5.62
C LYS D 71 -10.97 -14.41 5.42
N ARG D 72 -10.48 -14.47 4.18
CA ARG D 72 -9.18 -15.09 3.90
C ARG D 72 -8.08 -14.05 3.97
N PRO D 73 -6.92 -14.43 4.53
CA PRO D 73 -5.76 -13.52 4.62
C PRO D 73 -5.03 -13.43 3.29
N VAL D 74 -5.77 -13.03 2.25
CA VAL D 74 -5.24 -12.96 0.90
C VAL D 74 -5.14 -11.50 0.49
N ASP D 75 -4.02 -11.14 -0.13
CA ASP D 75 -3.77 -9.74 -0.52
C ASP D 75 -3.47 -9.55 -2.01
N ALA D 76 -3.67 -10.59 -2.82
CA ALA D 76 -3.53 -10.45 -4.27
C ALA D 76 -4.44 -11.47 -4.95
N VAL D 77 -5.11 -11.02 -6.01
CA VAL D 77 -6.10 -11.85 -6.69
C VAL D 77 -6.10 -11.59 -8.20
N VAL D 78 -6.18 -12.68 -8.96
CA VAL D 78 -6.40 -12.59 -10.39
C VAL D 78 -7.87 -12.25 -10.63
N ILE D 79 -8.15 -11.16 -11.35
CA ILE D 79 -9.55 -10.79 -11.58
C ILE D 79 -10.00 -11.07 -13.01
N GLY D 80 -9.07 -11.30 -13.91
CA GLY D 80 -9.42 -11.58 -15.29
C GLY D 80 -8.25 -11.96 -16.16
N ILE D 81 -8.52 -12.78 -17.17
CA ILE D 81 -7.56 -13.06 -18.22
C ILE D 81 -7.67 -12.00 -19.30
N ILE D 82 -6.54 -11.41 -19.66
CA ILE D 82 -6.53 -10.30 -20.60
C ILE D 82 -6.57 -10.78 -22.04
N ASP D 83 -7.53 -10.24 -22.79
CA ASP D 83 -7.64 -10.50 -24.23
C ASP D 83 -6.85 -9.48 -25.04
N THR D 84 -6.98 -8.21 -24.68
CA THR D 84 -6.29 -7.16 -25.42
C THR D 84 -5.84 -6.01 -24.52
N VAL D 85 -4.73 -5.41 -24.88
CA VAL D 85 -4.29 -4.14 -24.31
C VAL D 85 -3.97 -3.22 -25.48
N SER D 86 -4.54 -2.03 -25.46
CA SER D 86 -4.22 -1.03 -26.48
C SER D 86 -3.48 0.13 -25.84
N VAL D 87 -2.56 0.71 -26.59
CA VAL D 87 -1.82 1.90 -26.19
C VAL D 87 -1.87 2.89 -27.34
N ASP D 88 -2.29 4.11 -27.04
CA ASP D 88 -2.39 5.16 -28.05
C ASP D 88 -3.09 4.69 -29.31
N ASN D 89 -4.21 3.99 -29.12
CA ASN D 89 -5.09 3.53 -30.20
C ASN D 89 -4.44 2.51 -31.12
N ARG D 90 -3.42 1.82 -30.63
CA ARG D 90 -2.81 0.70 -31.34
C ARG D 90 -2.74 -0.50 -30.42
N PRO D 91 -2.77 -1.71 -30.98
CA PRO D 91 -2.66 -2.89 -30.12
C PRO D 91 -1.26 -3.05 -29.54
N LEU D 92 -1.19 -3.30 -28.24
CA LEU D 92 0.06 -3.65 -27.58
C LEU D 92 0.13 -5.16 -27.43
N TYR D 93 -1.02 -5.74 -27.07
CA TYR D 93 -1.12 -7.16 -26.81
C TYR D 93 -2.46 -7.66 -27.30
N SER D 94 -2.43 -8.78 -28.02
CA SER D 94 -3.65 -9.48 -28.39
C SER D 94 -3.44 -10.97 -28.14
N LYS D 95 -4.36 -11.55 -27.37
CA LYS D 95 -4.28 -12.95 -27.01
C LYS D 95 -4.41 -13.84 -28.25
N MET E 1 -4.25 10.43 -3.69
CA MET E 1 -4.52 10.20 -5.14
C MET E 1 -3.27 10.53 -5.95
N GLN E 2 -3.20 9.97 -7.15
CA GLN E 2 -2.12 10.30 -8.08
C GLN E 2 -2.71 10.84 -9.38
N ILE E 3 -1.86 11.49 -10.16
CA ILE E 3 -2.22 11.93 -11.50
C ILE E 3 -1.75 10.89 -12.51
N GLY E 4 -2.64 10.50 -13.40
CA GLY E 4 -2.30 9.61 -14.48
C GLY E 4 -2.74 10.17 -15.81
N ARG E 5 -2.08 9.75 -16.86
CA ARG E 5 -2.47 10.08 -18.22
C ARG E 5 -3.05 8.83 -18.86
N VAL E 6 -4.20 8.96 -19.52
CA VAL E 6 -4.84 7.82 -20.14
C VAL E 6 -4.07 7.42 -21.38
N ARG E 7 -3.56 6.18 -21.40
CA ARG E 7 -2.76 5.71 -22.52
C ARG E 7 -3.44 4.63 -23.33
N GLY E 8 -4.50 4.03 -22.78
CA GLY E 8 -5.14 2.92 -23.46
C GLY E 8 -6.17 2.20 -22.63
N THR E 9 -6.51 1.00 -23.07
CA THR E 9 -7.58 0.23 -22.45
C THR E 9 -7.19 -1.24 -22.36
N VAL E 10 -7.72 -1.93 -21.36
CA VAL E 10 -7.52 -3.36 -21.22
C VAL E 10 -8.87 -4.04 -21.31
N VAL E 11 -8.94 -5.10 -22.11
CA VAL E 11 -10.19 -5.85 -22.27
C VAL E 11 -9.99 -7.29 -21.81
N SER E 12 -10.96 -7.78 -21.04
CA SER E 12 -10.93 -9.13 -20.48
C SER E 12 -12.32 -9.71 -20.52
N SER E 13 -12.50 -10.83 -21.23
CA SER E 13 -13.81 -11.48 -21.30
C SER E 13 -13.95 -12.59 -20.26
N GLN E 14 -12.87 -13.29 -19.97
CA GLN E 14 -12.92 -14.33 -18.95
C GLN E 14 -12.39 -13.74 -17.67
N LYS E 15 -13.31 -13.47 -16.74
CA LYS E 15 -12.98 -12.72 -15.54
C LYS E 15 -13.96 -13.03 -14.42
N GLU E 16 -13.67 -12.54 -13.23
CA GLU E 16 -14.59 -12.67 -12.11
C GLU E 16 -15.91 -12.00 -12.49
N PRO E 17 -17.04 -12.71 -12.28
CA PRO E 17 -18.36 -12.19 -12.68
C PRO E 17 -18.71 -10.82 -12.11
N SER E 18 -18.20 -10.49 -10.92
CA SER E 18 -18.50 -9.19 -10.32
C SER E 18 -18.01 -8.04 -11.20
N MET E 19 -17.00 -8.32 -12.02
CA MET E 19 -16.32 -7.29 -12.80
C MET E 19 -17.00 -6.97 -14.13
N VAL E 20 -18.07 -7.70 -14.45
CA VAL E 20 -18.80 -7.46 -15.70
C VAL E 20 -19.27 -6.01 -15.76
N GLY E 21 -19.07 -5.37 -16.91
CA GLY E 21 -19.54 -4.01 -17.12
C GLY E 21 -18.51 -2.94 -16.82
N VAL E 22 -17.40 -3.32 -16.20
CA VAL E 22 -16.39 -2.35 -15.78
C VAL E 22 -15.39 -2.07 -16.89
N LYS E 23 -15.16 -0.79 -17.19
CA LYS E 23 -14.16 -0.40 -18.17
C LYS E 23 -12.81 -0.22 -17.51
N PHE E 24 -11.78 -0.78 -18.13
CA PHE E 24 -10.42 -0.73 -17.59
C PHE E 24 -9.53 0.19 -18.41
N LEU E 25 -9.00 1.23 -17.78
CA LEU E 25 -8.09 2.14 -18.45
C LEU E 25 -6.66 1.94 -18.00
N LEU E 26 -5.76 1.98 -18.97
CA LEU E 26 -4.33 1.96 -18.71
C LEU E 26 -3.86 3.37 -18.50
N LEU E 27 -3.32 3.63 -17.31
CA LEU E 27 -2.89 4.96 -16.93
C LEU E 27 -1.38 5.00 -16.81
N GLN E 28 -0.77 6.03 -17.38
CA GLN E 28 0.64 6.30 -17.18
C GLN E 28 0.79 7.32 -16.05
N LEU E 29 1.63 7.00 -15.08
CA LEU E 29 1.86 7.90 -13.96
C LEU E 29 2.52 9.19 -14.45
N ILE E 30 2.03 10.31 -13.92
CA ILE E 30 2.60 11.62 -14.15
C ILE E 30 3.16 12.12 -12.84
N ASP E 31 4.35 12.73 -12.87
CA ASP E 31 4.96 13.23 -11.63
C ASP E 31 4.51 14.66 -11.29
N GLU E 32 5.05 15.19 -10.20
CA GLU E 32 4.62 16.49 -9.69
C GLU E 32 5.04 17.64 -10.59
N ALA E 33 5.92 17.37 -11.55
CA ALA E 33 6.38 18.37 -12.50
C ALA E 33 5.64 18.23 -13.83
N GLY E 34 4.67 17.32 -13.86
CA GLY E 34 3.87 17.13 -15.07
C GLY E 34 4.53 16.25 -16.10
N GLN E 35 5.57 15.51 -15.69
CA GLN E 35 6.29 14.63 -16.60
C GLN E 35 5.89 13.17 -16.42
N PRO E 36 5.80 12.43 -17.53
CA PRO E 36 5.43 11.01 -17.47
C PRO E 36 6.51 10.16 -16.81
N LEU E 37 6.06 9.13 -16.09
CA LEU E 37 6.97 8.20 -15.42
C LEU E 37 6.84 6.83 -16.06
N PRO E 38 7.86 5.98 -15.89
CA PRO E 38 7.82 4.60 -16.43
C PRO E 38 7.05 3.66 -15.50
N GLN E 39 5.91 4.13 -15.01
CA GLN E 39 5.06 3.35 -14.14
C GLN E 39 3.63 3.50 -14.64
N TYR E 40 2.82 2.47 -14.43
CA TYR E 40 1.45 2.50 -14.92
C TYR E 40 0.50 1.91 -13.89
N GLU E 41 -0.79 2.12 -14.12
CA GLU E 41 -1.81 1.50 -13.30
C GLU E 41 -3.01 1.26 -14.21
N VAL E 42 -3.67 0.14 -14.02
CA VAL E 42 -4.92 -0.11 -14.72
C VAL E 42 -6.03 0.19 -13.73
N ALA E 43 -6.95 1.06 -14.13
CA ALA E 43 -8.00 1.53 -13.23
C ALA E 43 -9.38 1.37 -13.82
N ALA E 44 -10.35 1.11 -12.95
CA ALA E 44 -11.76 1.14 -13.32
C ALA E 44 -12.16 2.58 -13.58
N ASP E 45 -12.95 2.80 -14.63
CA ASP E 45 -13.38 4.15 -14.99
C ASP E 45 -14.88 4.18 -15.27
N GLY E 46 -15.61 4.91 -14.44
CA GLY E 46 -17.02 5.16 -14.69
C GLY E 46 -17.31 6.60 -15.05
N VAL E 47 -16.27 7.37 -15.33
CA VAL E 47 -16.40 8.81 -15.59
C VAL E 47 -16.14 9.18 -17.06
N GLY E 48 -15.75 8.21 -17.88
CA GLY E 48 -15.63 8.42 -19.31
C GLY E 48 -14.39 9.19 -19.72
N ALA E 49 -13.26 8.87 -19.11
CA ALA E 49 -12.00 9.53 -19.48
C ALA E 49 -11.55 9.02 -20.84
N GLY E 50 -11.02 9.93 -21.65
CA GLY E 50 -10.55 9.58 -22.98
C GLY E 50 -9.04 9.61 -23.10
N LEU E 51 -8.56 9.17 -24.24
CA LEU E 51 -7.12 9.07 -24.49
C LEU E 51 -6.42 10.42 -24.31
N ASP E 52 -5.28 10.37 -23.64
CA ASP E 52 -4.41 11.54 -23.42
C ASP E 52 -4.90 12.49 -22.34
N GLU E 53 -6.09 12.25 -21.79
CA GLU E 53 -6.58 13.10 -20.71
C GLU E 53 -5.83 12.78 -19.42
N TRP E 54 -5.69 13.78 -18.56
CA TRP E 54 -5.14 13.57 -17.24
C TRP E 54 -6.28 13.25 -16.29
N VAL E 55 -6.04 12.30 -15.39
CA VAL E 55 -7.05 11.92 -14.42
C VAL E 55 -6.45 11.84 -13.04
N LEU E 56 -7.32 12.00 -12.05
CA LEU E 56 -6.99 11.75 -10.67
C LEU E 56 -7.48 10.34 -10.41
N PHE E 57 -6.64 9.49 -9.83
CA PHE E 57 -7.06 8.15 -9.49
C PHE E 57 -6.64 7.76 -8.07
N SER E 58 -7.44 6.89 -7.49
CA SER E 58 -7.24 6.41 -6.12
C SER E 58 -6.93 4.94 -6.14
N ARG E 59 -6.19 4.49 -5.14
CA ARG E 59 -5.80 3.10 -5.00
C ARG E 59 -6.36 2.50 -3.73
N GLY E 60 -6.51 1.18 -3.73
CA GLY E 60 -6.95 0.47 -2.55
C GLY E 60 -8.46 0.41 -2.46
N SER E 61 -8.97 0.28 -1.24
CA SER E 61 -10.41 0.10 -1.01
C SER E 61 -11.22 1.31 -1.42
N ALA E 62 -10.54 2.44 -1.62
CA ALA E 62 -11.18 3.62 -2.20
C ALA E 62 -11.91 3.25 -3.49
N ALA E 63 -11.36 2.29 -4.22
CA ALA E 63 -11.91 1.93 -5.52
C ALA E 63 -13.28 1.28 -5.42
N ARG E 64 -13.59 0.74 -4.24
CA ARG E 64 -14.87 0.04 -4.04
C ARG E 64 -15.99 0.99 -3.58
N GLN E 65 -15.70 2.27 -3.43
CA GLN E 65 -16.66 3.18 -2.80
C GLN E 65 -17.73 3.70 -3.76
N VAL E 66 -17.43 3.67 -5.06
CA VAL E 66 -18.38 4.11 -6.07
C VAL E 66 -19.56 3.14 -6.16
N ALA E 67 -20.77 3.68 -6.20
CA ALA E 67 -21.96 2.84 -6.29
C ALA E 67 -21.77 1.76 -7.36
N GLY E 68 -22.01 0.51 -6.97
CA GLY E 68 -21.84 -0.61 -7.88
C GLY E 68 -20.59 -1.43 -7.64
N SER E 69 -19.59 -0.83 -6.99
CA SER E 69 -18.28 -1.47 -6.85
C SER E 69 -17.98 -1.92 -5.43
N GLU E 70 -18.96 -1.82 -4.54
CA GLU E 70 -18.74 -2.09 -3.13
C GLU E 70 -18.15 -3.47 -2.88
N LYS E 71 -18.53 -4.46 -3.69
CA LYS E 71 -18.06 -5.82 -3.52
C LYS E 71 -17.27 -6.32 -4.74
N ARG E 72 -16.68 -5.39 -5.49
CA ARG E 72 -15.82 -5.76 -6.61
C ARG E 72 -14.35 -5.81 -6.19
N PRO E 73 -13.59 -6.73 -6.78
CA PRO E 73 -12.15 -6.88 -6.48
C PRO E 73 -11.31 -5.88 -7.24
N VAL E 74 -11.65 -4.60 -7.10
CA VAL E 74 -10.94 -3.51 -7.77
C VAL E 74 -10.13 -2.70 -6.76
N ASP E 75 -8.91 -2.30 -7.15
CA ASP E 75 -8.00 -1.59 -6.27
C ASP E 75 -7.46 -0.30 -6.90
N ALA E 76 -8.07 0.14 -8.00
CA ALA E 76 -7.73 1.42 -8.58
C ALA E 76 -8.94 1.96 -9.34
N VAL E 77 -9.21 3.25 -9.16
CA VAL E 77 -10.38 3.87 -9.74
C VAL E 77 -10.09 5.30 -10.19
N VAL E 78 -10.60 5.65 -11.37
CA VAL E 78 -10.55 7.01 -11.86
C VAL E 78 -11.65 7.78 -11.16
N ILE E 79 -11.31 8.87 -10.47
CA ILE E 79 -12.32 9.64 -9.75
C ILE E 79 -12.67 10.95 -10.45
N GLY E 80 -11.86 11.37 -11.42
CA GLY E 80 -12.14 12.57 -12.16
C GLY E 80 -11.13 12.87 -13.26
N ILE E 81 -11.60 13.56 -14.30
CA ILE E 81 -10.72 14.08 -15.34
C ILE E 81 -10.26 15.47 -14.91
N ILE E 82 -8.96 15.73 -15.05
CA ILE E 82 -8.37 16.97 -14.56
C ILE E 82 -8.52 18.11 -15.57
N ASP E 83 -8.97 19.26 -15.07
CA ASP E 83 -9.07 20.46 -15.87
C ASP E 83 -7.81 21.31 -15.73
N THR E 84 -7.35 21.48 -14.49
CA THR E 84 -6.16 22.27 -14.24
C THR E 84 -5.34 21.71 -13.08
N VAL E 85 -4.03 21.84 -13.21
CA VAL E 85 -3.11 21.67 -12.10
C VAL E 85 -2.31 22.95 -11.99
N SER E 86 -2.25 23.52 -10.80
CA SER E 86 -1.46 24.71 -10.57
C SER E 86 -0.36 24.39 -9.59
N VAL E 87 0.80 25.00 -9.79
CA VAL E 87 1.92 24.90 -8.84
C VAL E 87 2.43 26.30 -8.57
N ASP E 88 2.53 26.65 -7.29
CA ASP E 88 2.99 27.99 -6.90
C ASP E 88 2.15 29.08 -7.56
N ASN E 89 0.83 28.93 -7.50
CA ASN E 89 -0.09 29.88 -8.10
C ASN E 89 0.12 30.09 -9.60
N ARG E 90 0.77 29.15 -10.27
CA ARG E 90 0.94 29.22 -11.71
C ARG E 90 0.47 27.93 -12.37
N PRO E 91 -0.04 28.02 -13.60
CA PRO E 91 -0.47 26.84 -14.35
C PRO E 91 0.65 25.84 -14.62
N LEU E 92 0.42 24.58 -14.29
CA LEU E 92 1.30 23.51 -14.72
C LEU E 92 0.62 22.77 -15.86
N TYR E 93 -0.68 22.56 -15.72
CA TYR E 93 -1.46 21.85 -16.71
C TYR E 93 -2.82 22.51 -16.89
N SER E 94 -3.25 22.58 -18.14
CA SER E 94 -4.58 23.06 -18.45
C SER E 94 -5.10 22.23 -19.60
N LYS E 95 -6.21 21.53 -19.35
CA LYS E 95 -6.81 20.68 -20.35
C LYS E 95 -7.23 21.53 -21.53
N LYS E 96 -7.72 22.74 -21.24
CA LYS E 96 -8.23 23.64 -22.26
C LYS E 96 -7.14 24.07 -23.24
N ASP E 97 -5.88 24.02 -22.79
CA ASP E 97 -4.75 24.28 -23.66
C ASP E 97 -4.48 23.07 -24.55
#